data_5IZW
#
_entry.id   5IZW
#
_cell.length_a   67.412
_cell.length_b   67.412
_cell.length_c   56.752
_cell.angle_alpha   90.00
_cell.angle_beta   90.00
_cell.angle_gamma   90.00
#
_symmetry.space_group_name_H-M   'P 41'
#
loop_
_entity.id
_entity.type
_entity.pdbx_description
1 polymer PLS9-PPR
2 water water
#
_entity_poly.entity_id   1
_entity_poly.type   'polypeptide(L)'
_entity_poly.pdbx_seq_one_letter_code
;VVTYNTLIDGLCKAGKLDEALKLFEEMVEKGIKPDEFTFSSVLKACARLGALELGKQIHGYVIKSGFESNVVVYNALIDM
YSKCGLLEEARKVFDEMPEKD
;
_entity_poly.pdbx_strand_id   A,B
#
# COMPACT_ATOMS: atom_id res chain seq x y z
N VAL A 1 -4.56 -28.69 -3.88
CA VAL A 1 -3.73 -27.50 -3.75
C VAL A 1 -3.18 -27.09 -5.11
N VAL A 2 -2.78 -28.07 -5.92
CA VAL A 2 -2.26 -27.76 -7.25
C VAL A 2 -3.35 -27.08 -8.09
N THR A 3 -4.60 -27.55 -7.97
CA THR A 3 -5.69 -26.90 -8.71
C THR A 3 -5.77 -25.41 -8.38
N TYR A 4 -5.83 -25.09 -7.07
CA TYR A 4 -5.89 -23.70 -6.65
C TYR A 4 -4.65 -22.93 -7.09
N ASN A 5 -3.46 -23.53 -6.89
CA ASN A 5 -2.23 -22.84 -7.27
C ASN A 5 -2.19 -22.56 -8.77
N THR A 6 -2.70 -23.50 -9.57
CA THR A 6 -2.69 -23.34 -11.02
C THR A 6 -3.59 -22.19 -11.45
N LEU A 7 -4.82 -22.14 -10.94
CA LEU A 7 -5.72 -21.07 -11.35
C LEU A 7 -5.32 -19.73 -10.75
N ILE A 8 -4.83 -19.72 -9.50
CA ILE A 8 -4.37 -18.46 -8.92
C ILE A 8 -3.21 -17.91 -9.74
N ASP A 9 -2.28 -18.78 -10.13
CA ASP A 9 -1.15 -18.29 -10.94
C ASP A 9 -1.63 -17.73 -12.28
N GLY A 10 -2.58 -18.41 -12.94
CA GLY A 10 -3.10 -17.90 -14.19
C GLY A 10 -3.75 -16.54 -14.04
N LEU A 11 -4.54 -16.35 -12.98
CA LEU A 11 -5.19 -15.07 -12.75
C LEU A 11 -4.17 -13.98 -12.45
N CYS A 12 -3.13 -14.33 -11.68
CA CYS A 12 -2.09 -13.34 -11.37
C CYS A 12 -1.33 -12.93 -12.62
N LYS A 13 -0.94 -13.90 -13.46
CA LYS A 13 -0.25 -13.54 -14.69
C LYS A 13 -1.11 -12.66 -15.58
N ALA A 14 -2.44 -12.80 -15.48
CA ALA A 14 -3.36 -12.00 -16.27
C ALA A 14 -3.72 -10.69 -15.60
N GLY A 15 -3.22 -10.43 -14.40
CA GLY A 15 -3.54 -9.19 -13.71
C GLY A 15 -4.90 -9.15 -13.06
N LYS A 16 -5.58 -10.28 -12.93
CA LYS A 16 -6.91 -10.33 -12.33
C LYS A 16 -6.75 -10.58 -10.83
N LEU A 17 -6.35 -9.46 -10.19
CA LEU A 17 -5.92 -9.70 -8.81
C LEU A 17 -7.07 -9.72 -7.83
N ASP A 18 -8.06 -9.06 -8.04
CA ASP A 18 -9.23 -9.21 -7.16
C ASP A 18 -9.78 -10.62 -7.25
N GLU A 19 -9.75 -11.23 -8.42
CA GLU A 19 -10.23 -12.59 -8.55
C GLU A 19 -9.26 -13.55 -7.89
N ALA A 20 -7.96 -13.30 -8.06
CA ALA A 20 -6.98 -14.15 -7.40
C ALA A 20 -7.14 -14.09 -5.89
N LEU A 21 -7.39 -12.90 -5.35
CA LEU A 21 -7.54 -12.78 -3.90
C LEU A 21 -8.75 -13.57 -3.41
N LYS A 22 -9.87 -13.51 -4.14
CA LYS A 22 -11.05 -14.25 -3.70
C LYS A 22 -10.78 -15.75 -3.69
N LEU A 23 -10.02 -16.25 -4.66
CA LEU A 23 -9.67 -17.68 -4.65
C LEU A 23 -8.71 -18.01 -3.52
N PHE A 24 -7.75 -17.12 -3.23
CA PHE A 24 -6.85 -17.32 -2.10
C PHE A 24 -7.63 -17.39 -0.80
N GLU A 25 -8.58 -16.49 -0.61
CA GLU A 25 -9.42 -16.49 0.58
C GLU A 25 -10.23 -17.78 0.68
N GLU A 26 -10.78 -18.24 -0.45
CA GLU A 26 -11.54 -19.49 -0.46
C GLU A 26 -10.66 -20.67 -0.05
N MET A 27 -9.45 -20.74 -0.59
CA MET A 27 -8.47 -21.73 -0.17
C MET A 27 -8.33 -21.80 1.35
N VAL A 28 -8.01 -20.66 1.96
CA VAL A 28 -7.79 -20.59 3.39
C VAL A 28 -9.04 -20.99 4.16
N GLU A 29 -10.21 -20.53 3.71
CA GLU A 29 -11.45 -20.81 4.42
C GLU A 29 -11.77 -22.30 4.43
N LYS A 30 -11.50 -22.98 3.32
CA LYS A 30 -11.75 -24.41 3.24
C LYS A 30 -10.71 -25.22 4.00
N GLY A 31 -9.62 -24.59 4.42
CA GLY A 31 -8.52 -25.33 5.03
C GLY A 31 -7.59 -25.97 4.04
N ILE A 32 -7.50 -25.43 2.83
CA ILE A 32 -6.52 -25.88 1.84
C ILE A 32 -5.36 -24.89 1.92
N LYS A 33 -4.36 -25.24 2.73
CA LYS A 33 -3.28 -24.32 3.13
C LYS A 33 -2.50 -23.79 1.93
N PRO A 34 -2.40 -22.48 1.74
CA PRO A 34 -1.48 -21.95 0.73
C PRO A 34 -0.06 -22.39 1.03
N ASP A 35 0.72 -22.69 -0.02
CA ASP A 35 2.11 -23.05 0.16
C ASP A 35 3.01 -21.99 -0.47
N GLU A 36 4.30 -22.29 -0.59
CA GLU A 36 5.22 -21.25 -1.07
C GLU A 36 4.93 -20.88 -2.51
N PHE A 37 4.36 -21.79 -3.29
CA PHE A 37 4.00 -21.44 -4.66
C PHE A 37 2.82 -20.49 -4.70
N THR A 38 1.82 -20.71 -3.84
CA THR A 38 0.67 -19.79 -3.76
C THR A 38 1.14 -18.37 -3.45
N PHE A 39 1.93 -18.23 -2.37
CA PHE A 39 2.42 -16.92 -1.97
C PHE A 39 3.28 -16.29 -3.06
N SER A 40 4.16 -17.08 -3.68
CA SER A 40 5.05 -16.56 -4.72
C SER A 40 4.28 -15.99 -5.90
N SER A 41 3.29 -16.73 -6.42
CA SER A 41 2.49 -16.24 -7.54
C SER A 41 1.85 -14.90 -7.22
N VAL A 42 1.21 -14.79 -6.05
CA VAL A 42 0.49 -13.57 -5.75
C VAL A 42 1.45 -12.41 -5.54
N LEU A 43 2.50 -12.63 -4.74
CA LEU A 43 3.42 -11.53 -4.41
C LEU A 43 4.19 -11.06 -5.63
N LYS A 44 4.51 -11.99 -6.55
CA LYS A 44 5.18 -11.61 -7.78
C LYS A 44 4.32 -10.68 -8.62
N ALA A 45 3.03 -10.99 -8.75
CA ALA A 45 2.14 -10.10 -9.49
C ALA A 45 1.92 -8.78 -8.77
N CYS A 46 1.84 -8.81 -7.44
CA CYS A 46 1.72 -7.56 -6.70
C CYS A 46 2.92 -6.66 -6.97
N ALA A 47 4.12 -7.24 -7.00
CA ALA A 47 5.33 -6.47 -7.29
C ALA A 47 5.29 -5.92 -8.71
N ARG A 48 4.88 -6.75 -9.67
CA ARG A 48 4.84 -6.34 -11.07
C ARG A 48 3.85 -5.22 -11.30
N LEU A 49 2.71 -5.26 -10.60
CA LEU A 49 1.61 -4.35 -10.85
C LEU A 49 1.46 -3.24 -9.81
N GLY A 50 2.34 -3.17 -8.81
CA GLY A 50 2.20 -2.15 -7.79
C GLY A 50 1.01 -2.32 -6.88
N ALA A 51 0.58 -3.56 -6.63
CA ALA A 51 -0.62 -3.83 -5.84
C ALA A 51 -0.26 -3.90 -4.36
N LEU A 52 0.00 -2.72 -3.81
CA LEU A 52 0.45 -2.60 -2.43
C LEU A 52 -0.58 -3.14 -1.45
N GLU A 53 -1.86 -2.84 -1.67
CA GLU A 53 -2.88 -3.26 -0.73
C GLU A 53 -3.00 -4.77 -0.68
N LEU A 54 -2.99 -5.42 -1.84
CA LEU A 54 -3.03 -6.90 -1.85
C LEU A 54 -1.76 -7.48 -1.25
N GLY A 55 -0.59 -6.90 -1.56
CA GLY A 55 0.64 -7.41 -0.98
C GLY A 55 0.65 -7.34 0.54
N LYS A 56 0.13 -6.23 1.09
CA LYS A 56 0.04 -6.10 2.54
C LYS A 56 -0.91 -7.14 3.12
N GLN A 57 -2.03 -7.38 2.43
CA GLN A 57 -2.98 -8.39 2.90
C GLN A 57 -2.35 -9.77 2.90
N ILE A 58 -1.61 -10.11 1.85
CA ILE A 58 -0.93 -11.40 1.77
C ILE A 58 0.10 -11.54 2.89
N HIS A 59 0.85 -10.46 3.17
CA HIS A 59 1.77 -10.47 4.30
C HIS A 59 1.07 -10.89 5.59
N GLY A 60 -0.14 -10.37 5.81
CA GLY A 60 -0.90 -10.77 6.98
C GLY A 60 -1.17 -12.26 7.04
N TYR A 61 -1.50 -12.87 5.90
CA TYR A 61 -1.71 -14.31 5.86
C TYR A 61 -0.41 -15.08 6.10
N VAL A 62 0.72 -14.56 5.61
CA VAL A 62 2.00 -15.24 5.83
C VAL A 62 2.25 -15.39 7.33
N ILE A 63 2.00 -14.32 8.08
CA ILE A 63 2.20 -14.32 9.52
C ILE A 63 1.28 -15.31 10.20
N LYS A 64 0.07 -15.52 9.67
CA LYS A 64 -0.86 -16.48 10.26
C LYS A 64 -0.45 -17.93 10.05
N SER A 65 0.02 -18.20 8.84
CA SER A 65 0.39 -19.54 8.46
C SER A 65 1.76 -19.84 9.01
N GLY A 66 2.32 -20.96 8.67
CA GLY A 66 3.60 -21.25 9.25
C GLY A 66 4.69 -21.00 8.31
N PHE A 67 4.65 -19.82 7.70
CA PHE A 67 5.64 -19.46 6.71
C PHE A 67 6.66 -18.46 7.18
N GLU A 68 6.65 -18.23 8.48
CA GLU A 68 7.61 -17.32 9.06
C GLU A 68 8.90 -18.06 9.25
N SER A 69 9.46 -18.53 8.16
CA SER A 69 10.71 -19.21 8.13
C SER A 69 11.01 -19.60 6.70
N ASN A 70 10.09 -19.36 5.79
CA ASN A 70 10.32 -19.70 4.43
C ASN A 70 11.05 -18.59 3.68
N VAL A 71 12.26 -18.87 3.23
CA VAL A 71 13.03 -17.86 2.51
C VAL A 71 12.48 -17.42 1.15
N VAL A 72 11.88 -18.35 0.42
CA VAL A 72 11.32 -18.02 -0.84
C VAL A 72 10.19 -17.04 -0.64
N VAL A 73 9.33 -17.29 0.33
CA VAL A 73 8.22 -16.39 0.58
C VAL A 73 8.72 -15.03 1.08
N TYR A 74 9.69 -15.03 2.00
CA TYR A 74 10.15 -13.75 2.52
C TYR A 74 10.93 -12.96 1.49
N ASN A 75 11.68 -13.64 0.61
CA ASN A 75 12.28 -12.95 -0.53
C ASN A 75 11.21 -12.30 -1.41
N ALA A 76 10.09 -13.00 -1.63
CA ALA A 76 9.02 -12.43 -2.45
C ALA A 76 8.34 -11.25 -1.77
N LEU A 77 8.25 -11.27 -0.43
CA LEU A 77 7.73 -10.12 0.30
C LEU A 77 8.65 -8.91 0.14
N ILE A 78 9.96 -9.11 0.30
CA ILE A 78 10.92 -8.02 0.12
C ILE A 78 10.83 -7.46 -1.29
N ASP A 79 10.74 -8.33 -2.29
CA ASP A 79 10.63 -7.86 -3.68
C ASP A 79 9.37 -7.05 -3.90
N MET A 80 8.24 -7.49 -3.33
CA MET A 80 6.98 -6.78 -3.47
C MET A 80 7.05 -5.39 -2.83
N TYR A 81 7.49 -5.31 -1.57
CA TYR A 81 7.60 -4.01 -0.92
C TYR A 81 8.56 -3.11 -1.69
N SER A 82 9.67 -3.65 -2.13
CA SER A 82 10.65 -2.87 -2.83
C SER A 82 10.10 -2.24 -4.09
N LYS A 83 9.46 -3.06 -4.89
CA LYS A 83 8.94 -2.58 -6.13
C LYS A 83 7.81 -1.61 -5.93
N CYS A 84 7.15 -1.67 -4.79
CA CYS A 84 6.08 -0.76 -4.51
C CYS A 84 6.61 0.51 -3.85
N GLY A 85 7.90 0.62 -3.69
CA GLY A 85 8.51 1.80 -3.11
C GLY A 85 8.45 1.88 -1.60
N LEU A 86 8.12 0.77 -0.92
CA LEU A 86 8.04 0.74 0.54
C LEU A 86 9.31 0.09 1.11
N LEU A 87 10.41 0.83 1.01
CA LEU A 87 11.70 0.25 1.34
C LEU A 87 11.90 0.06 2.84
N GLU A 88 11.17 0.82 3.68
CA GLU A 88 11.28 0.60 5.12
C GLU A 88 10.58 -0.70 5.51
N GLU A 89 9.42 -0.98 4.92
CA GLU A 89 8.79 -2.27 5.16
C GLU A 89 9.65 -3.41 4.63
N ALA A 90 10.28 -3.21 3.46
CA ALA A 90 11.13 -4.25 2.90
C ALA A 90 12.31 -4.54 3.84
N ARG A 91 12.95 -3.49 4.37
CA ARG A 91 14.07 -3.69 5.26
C ARG A 91 13.64 -4.40 6.54
N LYS A 92 12.43 -4.12 7.03
CA LYS A 92 11.94 -4.77 8.24
C LYS A 92 11.77 -6.27 8.02
N VAL A 93 11.22 -6.68 6.86
CA VAL A 93 11.09 -8.11 6.57
C VAL A 93 12.47 -8.76 6.55
N PHE A 94 13.41 -8.13 5.85
CA PHE A 94 14.80 -8.58 5.81
C PHE A 94 15.37 -8.73 7.22
N ASP A 95 15.15 -7.74 8.07
CA ASP A 95 15.70 -7.78 9.38
C ASP A 95 15.11 -8.83 10.29
N GLU A 96 13.88 -9.23 10.05
CA GLU A 96 13.25 -10.21 10.90
C GLU A 96 13.49 -11.63 10.43
N MET A 97 14.06 -11.79 9.26
CA MET A 97 14.31 -13.11 8.75
C MET A 97 15.38 -13.84 9.51
N PRO A 98 15.02 -15.17 9.83
CA PRO A 98 16.06 -15.94 10.53
C PRO A 98 17.24 -16.31 9.65
N GLU A 99 17.03 -16.59 8.35
CA GLU A 99 18.11 -17.04 7.47
C GLU A 99 17.96 -16.41 6.09
N LYS A 100 18.85 -15.50 5.74
CA LYS A 100 18.84 -14.87 4.43
C LYS A 100 19.77 -15.62 3.48
N ASP A 101 19.57 -15.42 2.17
CA ASP A 101 20.52 -15.98 1.22
C ASP A 101 20.99 -14.93 0.22
N VAL B 1 -8.59 27.38 -6.03
CA VAL B 1 -8.08 26.32 -5.15
C VAL B 1 -9.18 25.85 -4.21
N VAL B 2 -9.97 26.79 -3.68
CA VAL B 2 -11.06 26.41 -2.79
C VAL B 2 -12.06 25.52 -3.52
N THR B 3 -12.35 25.83 -4.79
CA THR B 3 -13.27 24.98 -5.55
C THR B 3 -12.78 23.53 -5.59
N TYR B 4 -11.54 23.34 -6.01
CA TYR B 4 -10.96 21.99 -6.03
C TYR B 4 -10.95 21.36 -4.63
N ASN B 5 -10.50 22.12 -3.63
CA ASN B 5 -10.45 21.57 -2.27
C ASN B 5 -11.83 21.14 -1.81
N THR B 6 -12.86 21.92 -2.15
CA THR B 6 -14.21 21.62 -1.70
C THR B 6 -14.73 20.33 -2.32
N LEU B 7 -14.56 20.18 -3.63
CA LEU B 7 -15.06 18.96 -4.28
C LEU B 7 -14.20 17.76 -3.92
N ILE B 8 -12.88 17.93 -3.84
CA ILE B 8 -12.03 16.80 -3.43
C ILE B 8 -12.43 16.32 -2.04
N ASP B 9 -12.70 17.26 -1.12
CA ASP B 9 -13.11 16.84 0.23
C ASP B 9 -14.43 16.10 0.20
N GLY B 10 -15.40 16.58 -0.59
CA GLY B 10 -16.68 15.88 -0.69
C GLY B 10 -16.52 14.46 -1.21
N LEU B 11 -15.68 14.29 -2.24
CA LEU B 11 -15.46 12.97 -2.79
C LEU B 11 -14.77 12.06 -1.79
N CYS B 12 -13.81 12.60 -1.05
CA CYS B 12 -13.10 11.80 -0.04
C CYS B 12 -14.03 11.37 1.09
N LYS B 13 -14.85 12.30 1.59
CA LYS B 13 -15.79 11.93 2.65
C LYS B 13 -16.79 10.89 2.15
N ALA B 14 -17.09 10.88 0.85
CA ALA B 14 -17.98 9.88 0.29
C ALA B 14 -17.26 8.59 -0.11
N GLY B 15 -15.94 8.51 0.07
CA GLY B 15 -15.21 7.32 -0.32
C GLY B 15 -14.96 7.18 -1.81
N LYS B 16 -15.14 8.23 -2.59
CA LYS B 16 -14.93 8.17 -4.04
C LYS B 16 -13.49 8.55 -4.35
N LEU B 17 -12.57 7.65 -3.98
CA LEU B 17 -11.15 8.01 -3.98
C LEU B 17 -10.54 8.01 -5.38
N ASP B 18 -11.02 7.16 -6.28
CA ASP B 18 -10.52 7.22 -7.65
C ASP B 18 -10.91 8.54 -8.30
N GLU B 19 -12.14 9.01 -8.04
CA GLU B 19 -12.53 10.31 -8.59
C GLU B 19 -11.76 11.45 -7.93
N ALA B 20 -11.52 11.35 -6.62
CA ALA B 20 -10.74 12.37 -5.94
C ALA B 20 -9.32 12.44 -6.49
N LEU B 21 -8.72 11.28 -6.77
CA LEU B 21 -7.37 11.27 -7.32
C LEU B 21 -7.32 11.95 -8.67
N LYS B 22 -8.30 11.69 -9.52
CA LYS B 22 -8.32 12.30 -10.84
C LYS B 22 -8.41 13.80 -10.74
N LEU B 23 -9.17 14.28 -9.79
CA LEU B 23 -9.30 15.70 -9.60
C LEU B 23 -7.99 16.32 -9.05
N PHE B 24 -7.33 15.60 -8.19
CA PHE B 24 -6.09 16.03 -7.62
C PHE B 24 -5.06 16.12 -8.75
N GLU B 25 -5.00 15.11 -9.58
CA GLU B 25 -4.08 15.13 -10.71
C GLU B 25 -4.38 16.30 -11.64
N GLU B 26 -5.66 16.56 -11.91
CA GLU B 26 -6.04 17.68 -12.78
C GLU B 26 -5.56 19.00 -12.18
N MET B 27 -5.81 19.20 -10.88
CA MET B 27 -5.29 20.35 -10.15
C MET B 27 -3.80 20.56 -10.41
N VAL B 28 -3.00 19.53 -10.14
CA VAL B 28 -1.56 19.61 -10.32
C VAL B 28 -1.20 19.92 -11.77
N GLU B 29 -1.87 19.28 -12.73
CA GLU B 29 -1.53 19.48 -14.14
C GLU B 29 -1.78 20.92 -14.57
N LYS B 30 -2.82 21.55 -14.04
CA LYS B 30 -3.15 22.92 -14.40
C LYS B 30 -2.22 23.94 -13.73
N GLY B 31 -1.40 23.51 -12.79
CA GLY B 31 -0.61 24.43 -12.00
C GLY B 31 -1.32 25.01 -10.80
N ILE B 32 -2.46 24.44 -10.40
CA ILE B 32 -3.20 24.89 -9.22
C ILE B 32 -2.67 24.06 -8.05
N LYS B 33 -1.66 24.58 -7.41
CA LYS B 33 -0.98 23.95 -6.32
C LYS B 33 -1.79 23.34 -5.15
N PRO B 34 -1.78 22.01 -4.93
CA PRO B 34 -2.49 21.55 -3.73
C PRO B 34 -1.89 22.19 -2.49
N ASP B 35 -2.73 22.44 -1.50
CA ASP B 35 -2.22 23.00 -0.25
C ASP B 35 -2.45 22.01 0.90
N GLU B 36 -2.24 22.48 2.14
CA GLU B 36 -2.30 21.54 3.26
C GLU B 36 -3.71 20.97 3.42
N PHE B 37 -4.73 21.74 3.01
CA PHE B 37 -6.10 21.22 3.09
C PHE B 37 -6.34 20.12 2.06
N THR B 38 -5.82 20.29 0.83
CA THR B 38 -5.93 19.25 -0.18
C THR B 38 -5.32 17.95 0.31
N PHE B 39 -4.07 18.03 0.77
CA PHE B 39 -3.37 16.84 1.25
C PHE B 39 -4.09 16.22 2.44
N SER B 40 -4.55 17.06 3.39
CA SER B 40 -5.21 16.55 4.59
C SER B 40 -6.48 15.79 4.26
N SER B 41 -7.33 16.35 3.39
CA SER B 41 -8.55 15.65 2.96
C SER B 41 -8.26 14.27 2.40
N VAL B 42 -7.32 14.19 1.45
CA VAL B 42 -7.08 12.91 0.79
C VAL B 42 -6.47 11.91 1.77
N LEU B 43 -5.45 12.34 2.53
CA LEU B 43 -4.76 11.39 3.40
C LEU B 43 -5.66 10.91 4.54
N LYS B 44 -6.56 11.78 5.02
CA LYS B 44 -7.51 11.37 6.05
C LYS B 44 -8.42 10.26 5.55
N ALA B 45 -8.94 10.40 4.32
CA ALA B 45 -9.78 9.35 3.75
C ALA B 45 -8.98 8.08 3.48
N CYS B 46 -7.73 8.22 3.03
CA CYS B 46 -6.89 7.05 2.83
C CYS B 46 -6.71 6.28 4.13
N ALA B 47 -6.46 6.99 5.22
CA ALA B 47 -6.32 6.35 6.53
C ALA B 47 -7.61 5.68 6.95
N ARG B 48 -8.74 6.38 6.75
CA ARG B 48 -10.03 5.84 7.16
C ARG B 48 -10.39 4.58 6.39
N LEU B 49 -10.00 4.51 5.12
CA LEU B 49 -10.44 3.45 4.23
C LEU B 49 -9.35 2.45 3.87
N GLY B 50 -8.16 2.56 4.45
CA GLY B 50 -7.08 1.64 4.11
C GLY B 50 -6.57 1.77 2.70
N ALA B 51 -6.63 2.97 2.11
CA ALA B 51 -6.26 3.18 0.71
C ALA B 51 -4.76 3.45 0.63
N LEU B 52 -4.01 2.37 0.86
CA LEU B 52 -2.56 2.45 0.91
C LEU B 52 -1.94 2.91 -0.41
N GLU B 53 -2.46 2.39 -1.53
CA GLU B 53 -1.86 2.76 -2.81
C GLU B 53 -2.05 4.24 -3.09
N LEU B 54 -3.22 4.78 -2.80
CA LEU B 54 -3.43 6.22 -2.99
C LEU B 54 -2.59 7.02 -2.02
N GLY B 55 -2.49 6.58 -0.77
CA GLY B 55 -1.67 7.30 0.19
C GLY B 55 -0.21 7.38 -0.23
N LYS B 56 0.33 6.28 -0.74
CA LYS B 56 1.70 6.28 -1.24
C LYS B 56 1.84 7.23 -2.42
N GLN B 57 0.87 7.25 -3.32
CA GLN B 57 0.91 8.19 -4.45
C GLN B 57 0.92 9.64 -3.97
N ILE B 58 0.06 9.97 -3.01
CA ILE B 58 0.01 11.32 -2.48
C ILE B 58 1.33 11.69 -1.82
N HIS B 59 1.94 10.76 -1.08
CA HIS B 59 3.27 10.99 -0.53
C HIS B 59 4.24 11.43 -1.61
N GLY B 60 4.20 10.77 -2.76
CA GLY B 60 5.05 11.15 -3.88
C GLY B 60 4.87 12.60 -4.29
N TYR B 61 3.61 13.08 -4.30
CA TYR B 61 3.34 14.47 -4.62
C TYR B 61 3.81 15.43 -3.53
N VAL B 62 3.75 15.00 -2.26
CA VAL B 62 4.19 15.87 -1.18
C VAL B 62 5.65 16.27 -1.38
N ILE B 63 6.44 15.27 -1.74
CA ILE B 63 7.84 15.46 -1.96
C ILE B 63 8.05 16.35 -3.16
N LYS B 64 7.26 16.20 -4.22
CA LYS B 64 7.36 17.05 -5.39
C LYS B 64 6.91 18.50 -5.12
N SER B 65 5.80 18.67 -4.45
CA SER B 65 5.30 19.99 -4.12
C SER B 65 6.20 20.63 -3.05
N GLY B 66 5.91 21.79 -2.52
CA GLY B 66 6.86 22.25 -1.52
C GLY B 66 6.44 22.06 -0.08
N PHE B 67 6.11 20.84 0.27
CA PHE B 67 5.59 20.57 1.59
C PHE B 67 6.43 19.73 2.53
N GLU B 68 7.72 19.71 2.29
CA GLU B 68 8.64 18.96 3.14
C GLU B 68 8.64 19.48 4.56
N SER B 69 8.17 20.69 4.78
CA SER B 69 8.18 21.22 6.14
C SER B 69 6.83 21.47 6.78
N ASN B 70 5.76 20.98 6.17
CA ASN B 70 4.48 21.23 6.75
C ASN B 70 4.11 20.16 7.77
N VAL B 71 3.95 20.55 9.02
CA VAL B 71 3.64 19.61 10.07
C VAL B 71 2.28 18.95 9.93
N VAL B 72 1.29 19.70 9.51
CA VAL B 72 -0.04 19.15 9.33
C VAL B 72 -0.02 18.04 8.29
N VAL B 73 0.66 18.29 7.16
CA VAL B 73 0.71 17.28 6.11
C VAL B 73 1.49 16.07 6.56
N TYR B 74 2.63 16.27 7.24
CA TYR B 74 3.41 15.10 7.65
C TYR B 74 2.73 14.33 8.77
N ASN B 75 2.00 15.02 9.66
CA ASN B 75 1.17 14.29 10.63
C ASN B 75 0.13 13.44 9.92
N ALA B 76 -0.49 13.97 8.86
CA ALA B 76 -1.48 13.18 8.12
C ALA B 76 -0.84 11.99 7.41
N LEU B 77 0.39 12.13 6.94
CA LEU B 77 1.09 10.99 6.33
C LEU B 77 1.33 9.89 7.37
N ILE B 78 1.81 10.28 8.55
CA ILE B 78 2.04 9.30 9.61
C ILE B 78 0.75 8.60 9.98
N ASP B 79 -0.34 9.36 10.11
CA ASP B 79 -1.63 8.74 10.45
C ASP B 79 -2.07 7.76 9.37
N MET B 80 -1.87 8.13 8.10
CA MET B 80 -2.26 7.26 6.98
C MET B 80 -1.45 5.95 7.00
N TYR B 81 -0.13 6.04 7.07
CA TYR B 81 0.68 4.82 7.14
C TYR B 81 0.31 4.00 8.37
N SER B 82 0.10 4.67 9.50
CA SER B 82 -0.19 3.94 10.74
C SER B 82 -1.49 3.15 10.63
N LYS B 83 -2.57 3.81 10.16
CA LYS B 83 -3.84 3.13 10.06
C LYS B 83 -3.83 2.05 8.98
N CYS B 84 -2.91 2.13 8.02
CA CYS B 84 -2.77 1.10 7.00
C CYS B 84 -1.84 -0.04 7.43
N GLY B 85 -1.30 0.04 8.64
CA GLY B 85 -0.44 -1.02 9.15
C GLY B 85 1.00 -0.94 8.70
N LEU B 86 1.42 0.17 8.11
CA LEU B 86 2.79 0.34 7.64
C LEU B 86 3.59 1.19 8.62
N LEU B 87 3.91 0.58 9.75
CA LEU B 87 4.49 1.35 10.83
C LEU B 87 5.94 1.72 10.57
N GLU B 88 6.63 0.97 9.70
CA GLU B 88 8.01 1.33 9.38
C GLU B 88 8.05 2.56 8.48
N GLU B 89 7.13 2.63 7.51
CA GLU B 89 7.02 3.85 6.70
C GLU B 89 6.60 5.03 7.57
N ALA B 90 5.68 4.81 8.51
CA ALA B 90 5.26 5.88 9.41
C ALA B 90 6.43 6.40 10.24
N ARG B 91 7.23 5.49 10.79
CA ARG B 91 8.38 5.92 11.59
C ARG B 91 9.37 6.71 10.76
N LYS B 92 9.54 6.32 9.49
CA LYS B 92 10.49 7.02 8.63
C LYS B 92 10.04 8.45 8.37
N VAL B 93 8.75 8.67 8.13
CA VAL B 93 8.25 10.02 7.95
C VAL B 93 8.51 10.84 9.21
N PHE B 94 8.18 10.27 10.37
CA PHE B 94 8.48 10.87 11.67
C PHE B 94 9.96 11.23 11.80
N ASP B 95 10.85 10.31 11.42
CA ASP B 95 12.28 10.57 11.59
C ASP B 95 12.78 11.66 10.65
N GLU B 96 12.14 11.83 9.48
CA GLU B 96 12.58 12.84 8.53
C GLU B 96 12.06 14.23 8.85
N MET B 97 11.05 14.36 9.70
CA MET B 97 10.42 15.65 9.90
C MET B 97 11.37 16.61 10.61
N PRO B 98 11.50 17.85 10.14
CA PRO B 98 12.33 18.82 10.85
C PRO B 98 11.75 19.25 12.19
N GLU B 99 10.42 19.40 12.31
CA GLU B 99 9.79 19.96 13.50
C GLU B 99 8.51 19.20 13.83
N LYS B 100 8.56 18.33 14.83
CA LYS B 100 7.39 17.59 15.24
C LYS B 100 6.65 18.34 16.34
N ASP B 101 5.40 17.94 16.58
CA ASP B 101 4.67 18.52 17.71
C ASP B 101 3.98 17.44 18.53
#